data_4JMY
#
_entry.id   4JMY
#
_cell.length_a   94.123
_cell.length_b   94.123
_cell.length_c   83.236
_cell.angle_alpha   90.00
_cell.angle_beta   90.00
_cell.angle_gamma   120.00
#
_symmetry.space_group_name_H-M   'P 61'
#
loop_
_entity.id
_entity.type
_entity.pdbx_description
1 polymer Polyprotein
2 polymer 'HCV non-structural protein 4A'
3 polymer 'substrate peptide'
4 non-polymer 'ZINC ION'
5 non-polymer 'SODIUM ION'
6 water water
#
loop_
_entity_poly.entity_id
_entity_poly.type
_entity_poly.pdbx_seq_one_letter_code
_entity_poly.pdbx_strand_id
1 'polypeptide(L)'
;APITAYSQQTRGLLGCIITSLTGRDKNQVDGEVQVLSTATQSFLATCVNGVCWTVYHGAGSKTLAGPKGPITQMYTNVDQ
DLVGWPAPPGARSMTPCTCGSSDLYLVTRHADVIPVRRRGDSRGSLLSPRPVSYLKGSSGGPLLCPSGHVVGIFRAAVCT
RGVAKAVDFIPVESMETTMRASKKKK
;
A,B
2 'polypeptide(L)' KKGSVVIVGRIILSGRK C,D
3 'polypeptide(L)' DDIVPC E,F
#
loop_
_chem_comp.id
_chem_comp.type
_chem_comp.name
_chem_comp.formula
NA non-polymer 'SODIUM ION' 'Na 1'
ZN non-polymer 'ZINC ION' 'Zn 2'
#
# COMPACT_ATOMS: atom_id res chain seq x y z
N ALA A 1 -1.79 -2.11 7.74
CA ALA A 1 -2.08 -1.21 6.62
C ALA A 1 -2.23 0.25 7.08
N PRO A 2 -2.28 1.19 6.13
CA PRO A 2 -2.46 2.59 6.53
C PRO A 2 -3.94 2.89 6.63
N ILE A 3 -4.56 3.14 5.49
CA ILE A 3 -5.97 3.43 5.41
C ILE A 3 -6.82 2.17 5.59
N THR A 4 -7.66 2.20 6.63
CA THR A 4 -8.62 1.14 6.90
C THR A 4 -10.03 1.73 7.01
N ALA A 5 -11.04 0.87 6.91
CA ALA A 5 -12.42 1.35 6.89
C ALA A 5 -13.31 0.29 7.49
N TYR A 6 -14.42 0.70 8.10
CA TYR A 6 -15.49 -0.26 8.41
C TYR A 6 -16.82 0.38 8.08
N SER A 7 -17.85 -0.44 7.93
CA SER A 7 -19.17 0.10 7.63
C SER A 7 -20.11 -0.12 8.79
N GLN A 8 -21.20 0.65 8.81
CA GLN A 8 -22.31 0.47 9.74
C GLN A 8 -23.62 0.68 9.00
N GLN A 9 -24.48 -0.33 8.99
CA GLN A 9 -25.79 -0.20 8.40
C GLN A 9 -26.65 0.69 9.30
N THR A 10 -27.62 1.39 8.71
CA THR A 10 -28.49 2.28 9.51
C THR A 10 -29.96 2.06 9.23
N ARG A 11 -30.25 1.43 8.10
CA ARG A 11 -31.63 1.32 7.65
C ARG A 11 -31.77 0.05 6.83
N GLY A 12 -32.96 -0.54 6.86
CA GLY A 12 -33.22 -1.76 6.12
C GLY A 12 -34.07 -1.45 4.91
N LEU A 13 -34.64 -2.48 4.31
CA LEU A 13 -35.47 -2.31 3.13
C LEU A 13 -36.73 -1.47 3.38
N LEU A 14 -37.45 -1.74 4.47
CA LEU A 14 -38.69 -1.03 4.75
C LEU A 14 -38.42 0.45 5.04
N GLY A 15 -37.49 0.70 5.93
CA GLY A 15 -37.07 2.06 6.23
C GLY A 15 -36.68 2.83 4.98
N CYS A 16 -36.00 2.17 4.04
CA CYS A 16 -35.54 2.84 2.83
C CYS A 16 -36.70 3.33 1.94
N ILE A 17 -37.69 2.45 1.76
CA ILE A 17 -38.86 2.77 0.94
C ILE A 17 -39.61 3.96 1.53
N ILE A 18 -39.95 3.87 2.81
CA ILE A 18 -40.69 4.93 3.48
C ILE A 18 -39.93 6.23 3.40
N THR A 19 -38.65 6.18 3.75
CA THR A 19 -37.83 7.38 3.81
C THR A 19 -37.72 8.04 2.44
N SER A 20 -37.59 7.20 1.41
CA SER A 20 -37.61 7.66 0.04
C SER A 20 -38.84 8.49 -0.27
N LEU A 21 -39.97 8.09 0.31
CA LEU A 21 -41.27 8.71 0.01
C LEU A 21 -41.48 9.99 0.79
N THR A 22 -41.03 10.00 2.03
CA THR A 22 -41.22 11.16 2.89
C THR A 22 -40.14 12.21 2.67
N GLY A 23 -38.97 11.78 2.22
CA GLY A 23 -37.84 12.68 2.05
C GLY A 23 -37.29 13.16 3.38
N ARG A 24 -37.77 12.57 4.47
CA ARG A 24 -37.34 12.98 5.80
C ARG A 24 -36.57 11.86 6.50
N ASP A 25 -35.29 12.11 6.73
CA ASP A 25 -34.44 11.14 7.41
C ASP A 25 -33.94 11.72 8.73
N LYS A 26 -34.40 11.18 9.85
CA LYS A 26 -34.00 11.72 11.17
C LYS A 26 -32.76 11.05 11.78
N ASN A 27 -32.25 9.99 11.15
CA ASN A 27 -31.06 9.30 11.65
C ASN A 27 -29.86 10.23 11.79
N GLN A 28 -29.00 9.95 12.77
CA GLN A 28 -27.73 10.66 12.87
C GLN A 28 -26.84 10.27 11.71
N VAL A 29 -26.15 11.27 11.14
CA VAL A 29 -25.19 11.06 10.07
C VAL A 29 -23.80 11.03 10.69
N ASP A 30 -22.94 10.15 10.18
CA ASP A 30 -21.54 10.12 10.59
C ASP A 30 -20.74 9.48 9.46
N GLY A 31 -19.43 9.60 9.50
CA GLY A 31 -18.59 8.95 8.51
C GLY A 31 -18.25 9.82 7.32
N GLU A 32 -17.16 9.47 6.65
CA GLU A 32 -16.66 10.19 5.49
C GLU A 32 -17.44 9.80 4.24
N VAL A 33 -18.02 8.60 4.26
CA VAL A 33 -18.63 8.03 3.07
C VAL A 33 -20.05 7.56 3.43
N GLN A 34 -21.04 8.07 2.70
CA GLN A 34 -22.42 7.62 2.91
C GLN A 34 -22.79 6.51 1.93
N VAL A 35 -23.48 5.50 2.44
CA VAL A 35 -23.98 4.42 1.60
C VAL A 35 -25.40 4.78 1.21
N LEU A 36 -25.65 4.91 -0.10
CA LEU A 36 -26.91 5.44 -0.59
C LEU A 36 -27.75 4.40 -1.30
N SER A 37 -29.07 4.57 -1.25
CA SER A 37 -29.94 3.71 -2.01
C SER A 37 -31.13 4.44 -2.62
N THR A 38 -31.48 4.03 -3.83
CA THR A 38 -32.76 4.41 -4.42
C THR A 38 -33.61 3.15 -4.47
N ALA A 39 -34.75 3.22 -5.12
CA ALA A 39 -35.59 2.05 -5.33
C ALA A 39 -34.82 0.92 -6.02
N THR A 40 -34.00 1.26 -7.00
CA THR A 40 -33.43 0.26 -7.91
C THR A 40 -31.94 -0.04 -7.74
N GLN A 41 -31.21 0.79 -7.00
CA GLN A 41 -29.78 0.59 -6.93
C GLN A 41 -29.12 1.24 -5.73
N SER A 42 -27.86 0.87 -5.52
CA SER A 42 -27.11 1.40 -4.39
C SER A 42 -25.78 1.95 -4.88
N PHE A 43 -25.28 2.95 -4.18
CA PHE A 43 -24.01 3.56 -4.54
C PHE A 43 -23.51 4.30 -3.30
N LEU A 44 -22.46 5.10 -3.47
CA LEU A 44 -21.85 5.79 -2.35
C LEU A 44 -21.74 7.29 -2.59
N ALA A 45 -21.64 8.06 -1.51
CA ALA A 45 -21.30 9.46 -1.62
C ALA A 45 -20.06 9.73 -0.78
N THR A 46 -19.14 10.52 -1.32
CA THR A 46 -17.98 10.91 -0.56
C THR A 46 -18.17 12.37 -0.16
N CYS A 47 -18.01 12.62 1.13
CA CYS A 47 -18.14 13.98 1.65
C CYS A 47 -16.82 14.70 1.53
N VAL A 48 -16.80 15.77 0.73
CA VAL A 48 -15.57 16.54 0.54
C VAL A 48 -15.90 18.02 0.68
N ASN A 49 -15.27 18.66 1.66
CA ASN A 49 -15.52 20.07 1.97
C ASN A 49 -16.99 20.43 2.07
N GLY A 50 -17.72 19.73 2.93
CA GLY A 50 -19.11 20.07 3.22
C GLY A 50 -20.15 19.64 2.20
N VAL A 51 -19.72 19.03 1.10
CA VAL A 51 -20.63 18.53 0.06
C VAL A 51 -20.56 16.99 -0.04
N CYS A 52 -21.72 16.32 -0.11
CA CYS A 52 -21.76 14.89 -0.41
C CYS A 52 -21.79 14.69 -1.92
N TRP A 53 -20.71 14.18 -2.48
CA TRP A 53 -20.61 13.98 -3.92
C TRP A 53 -20.89 12.54 -4.28
N THR A 54 -21.60 12.34 -5.38
CA THR A 54 -21.87 11.01 -5.91
C THR A 54 -22.03 11.03 -7.42
N VAL A 55 -22.39 9.88 -7.99
CA VAL A 55 -22.55 9.77 -9.44
C VAL A 55 -23.98 10.05 -9.90
N TYR A 56 -24.09 10.79 -11.01
CA TYR A 56 -25.39 11.06 -11.60
C TYR A 56 -26.08 9.75 -12.02
N HIS A 57 -25.31 8.77 -12.48
CA HIS A 57 -25.92 7.52 -12.92
C HIS A 57 -26.57 6.75 -11.77
N GLY A 58 -26.23 7.12 -10.53
CA GLY A 58 -26.96 6.59 -9.37
C GLY A 58 -28.09 7.51 -8.91
N ALA A 59 -27.75 8.77 -8.65
CA ALA A 59 -28.68 9.70 -8.01
C ALA A 59 -29.65 10.37 -8.98
N GLY A 60 -29.29 10.42 -10.26
CA GLY A 60 -30.07 11.22 -11.20
C GLY A 60 -30.19 12.65 -10.68
N SER A 61 -31.40 13.20 -10.75
CA SER A 61 -31.62 14.58 -10.27
C SER A 61 -32.28 14.60 -8.88
N LYS A 62 -32.31 13.46 -8.21
CA LYS A 62 -33.09 13.30 -6.99
C LYS A 62 -32.59 14.12 -5.81
N THR A 63 -33.52 14.45 -4.92
CA THR A 63 -33.20 14.98 -3.61
C THR A 63 -32.56 13.90 -2.74
N LEU A 64 -31.87 14.34 -1.69
CA LEU A 64 -31.34 13.43 -0.67
C LEU A 64 -32.18 13.57 0.60
N ALA A 65 -32.72 12.46 1.12
CA ALA A 65 -33.53 12.52 2.34
C ALA A 65 -32.68 13.09 3.49
N GLY A 66 -33.23 14.08 4.20
CA GLY A 66 -32.51 14.75 5.27
C GLY A 66 -33.34 15.06 6.50
N PRO A 67 -32.69 15.58 7.55
CA PRO A 67 -33.36 15.83 8.84
C PRO A 67 -34.39 16.94 8.77
N LYS A 68 -34.23 17.87 7.82
CA LYS A 68 -35.23 18.90 7.60
C LYS A 68 -36.01 18.64 6.30
N GLY A 69 -36.14 17.37 5.93
CA GLY A 69 -36.80 17.03 4.69
C GLY A 69 -35.81 16.93 3.53
N PRO A 70 -36.33 16.88 2.30
CA PRO A 70 -35.50 16.66 1.10
C PRO A 70 -34.45 17.73 0.88
N ILE A 71 -33.25 17.30 0.47
CA ILE A 71 -32.15 18.22 0.14
C ILE A 71 -31.97 18.27 -1.36
N THR A 72 -32.13 19.45 -1.93
CA THR A 72 -31.92 19.67 -3.34
C THR A 72 -30.44 19.58 -3.67
N GLN A 73 -30.10 18.99 -4.82
CA GLN A 73 -28.70 18.99 -5.27
C GLN A 73 -28.25 20.42 -5.43
N MET A 74 -27.02 20.71 -5.00
CA MET A 74 -26.43 22.03 -5.25
C MET A 74 -25.52 22.04 -6.48
N TYR A 75 -25.09 20.86 -6.92
CA TYR A 75 -24.32 20.73 -8.15
C TYR A 75 -24.82 19.52 -8.92
N THR A 76 -25.04 19.71 -10.22
CA THR A 76 -25.54 18.69 -11.11
C THR A 76 -24.81 18.82 -12.43
N ASN A 77 -23.95 17.85 -12.71
CA ASN A 77 -23.18 17.85 -13.95
C ASN A 77 -23.35 16.54 -14.68
N VAL A 78 -24.30 16.50 -15.59
CA VAL A 78 -24.64 15.26 -16.26
C VAL A 78 -23.48 14.67 -17.05
N ASP A 79 -22.86 15.49 -17.89
CA ASP A 79 -21.75 15.04 -18.72
C ASP A 79 -20.58 14.46 -17.91
N GLN A 80 -20.32 15.04 -16.73
CA GLN A 80 -19.27 14.56 -15.82
C GLN A 80 -19.72 13.39 -14.93
N ASP A 81 -21.00 13.05 -15.00
CA ASP A 81 -21.59 12.01 -14.15
C ASP A 81 -21.46 12.36 -12.67
N LEU A 82 -21.61 13.64 -12.35
CA LEU A 82 -21.33 14.11 -11.00
C LEU A 82 -22.47 14.97 -10.42
N VAL A 83 -22.86 14.67 -9.19
CA VAL A 83 -23.83 15.47 -8.46
C VAL A 83 -23.37 15.65 -7.02
N GLY A 84 -23.85 16.71 -6.37
CA GLY A 84 -23.48 16.97 -5.00
C GLY A 84 -24.64 17.57 -4.23
N TRP A 85 -24.83 17.13 -2.98
CA TRP A 85 -25.75 17.80 -2.06
C TRP A 85 -24.92 18.45 -0.95
N PRO A 86 -25.38 19.57 -0.40
CA PRO A 86 -24.75 20.03 0.84
C PRO A 86 -24.82 18.93 1.91
N ALA A 87 -23.71 18.68 2.58
CA ALA A 87 -23.58 17.56 3.50
C ALA A 87 -24.42 17.75 4.75
N PRO A 88 -25.19 16.73 5.13
CA PRO A 88 -25.99 16.94 6.34
C PRO A 88 -25.10 17.06 7.57
N PRO A 89 -25.64 17.67 8.65
CA PRO A 89 -24.86 17.78 9.89
C PRO A 89 -24.49 16.38 10.36
N GLY A 90 -23.22 16.18 10.73
CA GLY A 90 -22.75 14.89 11.18
C GLY A 90 -21.76 14.23 10.25
N ALA A 91 -21.88 14.47 8.95
CA ALA A 91 -20.95 13.86 7.99
C ALA A 91 -19.51 14.27 8.26
N ARG A 92 -18.57 13.34 8.16
CA ARG A 92 -17.16 13.68 8.31
C ARG A 92 -16.61 14.12 6.96
N SER A 93 -16.24 15.39 6.86
CA SER A 93 -15.86 15.93 5.58
C SER A 93 -14.35 15.73 5.33
N MET A 94 -14.02 15.26 4.14
CA MET A 94 -12.62 15.03 3.78
C MET A 94 -12.05 16.21 3.00
N THR A 95 -10.75 16.15 2.74
CA THR A 95 -10.00 17.21 2.08
C THR A 95 -9.42 16.69 0.78
N PRO A 96 -9.43 17.52 -0.28
CA PRO A 96 -8.82 17.13 -1.54
C PRO A 96 -7.30 16.95 -1.40
N CYS A 97 -6.77 16.03 -2.20
CA CYS A 97 -5.35 15.76 -2.21
C CYS A 97 -4.59 16.86 -2.97
N THR A 98 -3.46 17.27 -2.40
CA THR A 98 -2.61 18.29 -3.00
C THR A 98 -1.19 17.76 -3.21
N CYS A 99 -0.97 16.50 -2.84
CA CYS A 99 0.37 15.91 -2.90
C CYS A 99 0.69 15.29 -4.26
N GLY A 100 -0.33 15.10 -5.09
CA GLY A 100 -0.11 14.60 -6.44
C GLY A 100 0.29 13.13 -6.57
N SER A 101 0.16 12.36 -5.49
CA SER A 101 0.51 10.94 -5.50
C SER A 101 -0.23 10.14 -6.58
N SER A 102 0.42 9.13 -7.13
CA SER A 102 -0.22 8.24 -8.06
C SER A 102 -0.50 6.88 -7.40
N ASP A 103 -0.17 6.79 -6.11
CA ASP A 103 -0.47 5.58 -5.34
C ASP A 103 -1.81 5.74 -4.62
N LEU A 104 -2.87 5.17 -5.21
CA LEU A 104 -4.22 5.41 -4.70
C LEU A 104 -4.81 4.22 -3.95
N TYR A 105 -5.92 4.49 -3.27
CA TYR A 105 -6.67 3.48 -2.53
C TYR A 105 -8.12 3.71 -2.91
N LEU A 106 -8.82 2.67 -3.32
CA LEU A 106 -10.25 2.79 -3.54
C LEU A 106 -11.04 2.18 -2.37
N VAL A 107 -12.00 2.93 -1.84
CA VAL A 107 -12.84 2.43 -0.77
C VAL A 107 -14.19 1.94 -1.32
N THR A 108 -14.49 0.66 -1.11
CA THR A 108 -15.70 0.05 -1.67
C THR A 108 -16.85 0.05 -0.66
N ARG A 109 -18.04 -0.33 -1.13
CA ARG A 109 -19.23 -0.28 -0.28
C ARG A 109 -19.10 -1.33 0.82
N HIS A 110 -18.20 -2.29 0.63
CA HIS A 110 -18.00 -3.31 1.67
C HIS A 110 -16.94 -2.86 2.66
N ALA A 111 -16.52 -1.61 2.52
CA ALA A 111 -15.48 -1.04 3.35
C ALA A 111 -14.15 -1.74 3.11
N ASP A 112 -13.94 -2.30 1.93
CA ASP A 112 -12.60 -2.75 1.60
C ASP A 112 -11.80 -1.58 1.03
N VAL A 113 -10.50 -1.61 1.25
CA VAL A 113 -9.61 -0.58 0.74
C VAL A 113 -8.66 -1.24 -0.25
N ILE A 114 -8.81 -0.93 -1.52
CA ILE A 114 -7.99 -1.61 -2.51
C ILE A 114 -7.05 -0.68 -3.29
N PRO A 115 -5.83 -1.18 -3.54
CA PRO A 115 -4.73 -0.53 -4.25
C PRO A 115 -5.06 -0.22 -5.69
N VAL A 116 -4.91 1.05 -6.08
CA VAL A 116 -5.08 1.49 -7.45
C VAL A 116 -3.88 2.36 -7.82
N ARG A 117 -3.35 2.16 -9.04
CA ARG A 117 -2.30 3.03 -9.54
C ARG A 117 -2.85 4.00 -10.56
N ARG A 118 -2.75 5.29 -10.29
CA ARG A 118 -3.27 6.29 -11.21
C ARG A 118 -2.50 6.25 -12.52
N ARG A 119 -3.24 6.22 -13.63
CA ARG A 119 -2.63 6.13 -14.95
C ARG A 119 -2.98 7.32 -15.85
N GLY A 120 -3.81 8.23 -15.35
CA GLY A 120 -4.29 9.33 -16.15
C GLY A 120 -5.14 10.21 -15.27
N ASP A 121 -5.69 11.29 -15.82
CA ASP A 121 -6.51 12.20 -15.02
C ASP A 121 -7.73 11.51 -14.41
N SER A 122 -8.24 10.51 -15.13
CA SER A 122 -9.52 9.90 -14.74
C SER A 122 -9.50 8.39 -14.79
N ARG A 123 -8.30 7.80 -14.78
CA ARG A 123 -8.15 6.36 -14.94
C ARG A 123 -7.07 5.81 -14.00
N GLY A 124 -7.37 4.70 -13.31
CA GLY A 124 -6.37 4.02 -12.51
C GLY A 124 -6.46 2.53 -12.74
N SER A 125 -5.35 1.82 -12.62
CA SER A 125 -5.40 0.36 -12.77
C SER A 125 -5.51 -0.30 -11.41
N LEU A 126 -6.21 -1.43 -11.36
CA LEU A 126 -6.26 -2.22 -10.13
C LEU A 126 -5.03 -3.10 -10.06
N LEU A 127 -4.32 -3.01 -8.96
CA LEU A 127 -3.09 -3.78 -8.80
C LEU A 127 -3.43 -5.27 -8.75
N SER A 128 -4.62 -5.57 -8.25
CA SER A 128 -5.13 -6.93 -8.24
C SER A 128 -6.52 -6.90 -8.80
N PRO A 129 -6.69 -7.43 -10.01
CA PRO A 129 -8.04 -7.46 -10.59
C PRO A 129 -9.08 -8.15 -9.68
N ARG A 130 -10.32 -7.67 -9.75
CA ARG A 130 -11.43 -8.22 -8.99
C ARG A 130 -12.58 -8.52 -9.95
N PRO A 131 -13.47 -9.47 -9.57
CA PRO A 131 -14.74 -9.59 -10.30
C PRO A 131 -15.46 -8.23 -10.27
N VAL A 132 -16.09 -7.84 -11.37
CA VAL A 132 -16.80 -6.56 -11.37
C VAL A 132 -17.91 -6.55 -10.30
N SER A 133 -18.43 -7.74 -9.98
CA SER A 133 -19.47 -7.89 -8.97
C SER A 133 -19.04 -7.31 -7.63
N TYR A 134 -17.75 -7.38 -7.36
CA TYR A 134 -17.15 -6.84 -6.14
C TYR A 134 -17.21 -5.30 -6.04
N LEU A 135 -17.18 -4.66 -7.21
CA LEU A 135 -17.22 -3.20 -7.32
C LEU A 135 -18.63 -2.62 -7.50
N LYS A 136 -19.61 -3.46 -7.86
CA LYS A 136 -20.98 -3.00 -8.09
C LYS A 136 -21.51 -2.37 -6.81
N GLY A 137 -22.16 -1.22 -6.91
CA GLY A 137 -22.67 -0.53 -5.74
C GLY A 137 -21.63 0.36 -5.07
N SER A 138 -20.45 0.46 -5.67
CA SER A 138 -19.39 1.31 -5.11
C SER A 138 -19.14 2.62 -5.85
N SER A 139 -19.79 2.84 -6.98
CA SER A 139 -19.67 4.13 -7.66
C SER A 139 -19.93 5.25 -6.65
N GLY A 140 -19.11 6.29 -6.67
CA GLY A 140 -19.28 7.41 -5.75
C GLY A 140 -18.31 7.32 -4.59
N GLY A 141 -17.68 6.15 -4.46
CA GLY A 141 -16.72 5.92 -3.38
C GLY A 141 -15.39 6.65 -3.65
N PRO A 142 -14.67 6.98 -2.60
CA PRO A 142 -13.45 7.79 -2.76
C PRO A 142 -12.24 7.00 -3.26
N LEU A 143 -11.46 7.64 -4.14
CA LEU A 143 -10.08 7.23 -4.33
C LEU A 143 -9.23 8.19 -3.51
N LEU A 144 -8.44 7.62 -2.60
CA LEU A 144 -7.62 8.40 -1.67
C LEU A 144 -6.13 8.26 -1.97
N CYS A 145 -5.37 9.30 -1.67
CA CYS A 145 -3.91 9.23 -1.71
C CYS A 145 -3.41 8.57 -0.41
N PRO A 146 -2.08 8.34 -0.31
CA PRO A 146 -1.59 7.68 0.91
C PRO A 146 -1.83 8.50 2.19
N SER A 147 -1.95 9.82 2.08
CA SER A 147 -2.29 10.66 3.21
C SER A 147 -3.78 10.63 3.55
N GLY A 148 -4.59 9.96 2.73
CA GLY A 148 -6.00 9.84 3.03
C GLY A 148 -6.86 11.03 2.55
N HIS A 149 -6.36 11.75 1.56
CA HIS A 149 -7.12 12.87 1.03
C HIS A 149 -7.68 12.51 -0.34
N VAL A 150 -8.72 13.22 -0.75
CA VAL A 150 -9.45 12.76 -1.93
C VAL A 150 -8.85 13.18 -3.26
N VAL A 151 -8.65 12.17 -4.10
CA VAL A 151 -8.15 12.34 -5.44
C VAL A 151 -9.31 12.33 -6.41
N GLY A 152 -10.34 11.55 -6.07
CA GLY A 152 -11.49 11.45 -6.94
C GLY A 152 -12.56 10.53 -6.40
N ILE A 153 -13.64 10.36 -7.18
CA ILE A 153 -14.68 9.39 -6.83
C ILE A 153 -14.88 8.40 -7.96
N PHE A 154 -15.07 7.15 -7.56
CA PHE A 154 -15.14 6.01 -8.45
C PHE A 154 -16.36 6.10 -9.36
N ARG A 155 -16.15 5.94 -10.66
CA ARG A 155 -17.23 6.07 -11.62
C ARG A 155 -17.64 4.74 -12.27
N ALA A 156 -16.69 4.07 -12.91
CA ALA A 156 -17.04 2.88 -13.65
C ALA A 156 -15.84 1.94 -13.72
N ALA A 157 -16.11 0.66 -13.82
CA ALA A 157 -15.05 -0.33 -13.95
C ALA A 157 -14.76 -0.61 -15.41
N VAL A 158 -13.48 -0.82 -15.71
CA VAL A 158 -13.01 -1.23 -17.02
C VAL A 158 -12.77 -2.72 -16.91
N CYS A 159 -13.52 -3.49 -17.68
CA CYS A 159 -13.63 -4.91 -17.45
C CYS A 159 -13.41 -5.71 -18.72
N THR A 160 -13.02 -6.96 -18.52
CA THR A 160 -12.99 -7.94 -19.60
C THR A 160 -13.59 -9.21 -19.01
N ARG A 161 -14.66 -9.70 -19.62
CA ARG A 161 -15.24 -10.97 -19.21
C ARG A 161 -15.60 -10.98 -17.73
N GLY A 162 -16.15 -9.87 -17.26
CA GLY A 162 -16.60 -9.78 -15.88
C GLY A 162 -15.47 -9.51 -14.90
N VAL A 163 -14.27 -9.26 -15.41
CA VAL A 163 -13.14 -8.94 -14.53
C VAL A 163 -12.69 -7.50 -14.70
N ALA A 164 -12.71 -6.77 -13.60
CA ALA A 164 -12.32 -5.37 -13.56
C ALA A 164 -10.79 -5.25 -13.38
N LYS A 165 -10.13 -4.55 -14.30
CA LYS A 165 -8.68 -4.43 -14.29
C LYS A 165 -8.27 -2.98 -14.06
N ALA A 166 -9.23 -2.08 -14.21
CA ALA A 166 -9.00 -0.64 -14.03
C ALA A 166 -10.31 0.03 -13.66
N VAL A 167 -10.23 1.27 -13.22
CA VAL A 167 -11.41 2.04 -12.87
C VAL A 167 -11.32 3.42 -13.51
N ASP A 168 -12.44 3.90 -14.00
CA ASP A 168 -12.57 5.31 -14.38
C ASP A 168 -13.09 6.05 -13.19
N PHE A 169 -12.56 7.24 -12.95
CA PHE A 169 -13.02 8.02 -11.82
C PHE A 169 -13.14 9.50 -12.17
N ILE A 170 -13.82 10.23 -11.29
CA ILE A 170 -14.02 11.66 -11.48
C ILE A 170 -13.04 12.40 -10.61
N PRO A 171 -12.08 13.11 -11.23
CA PRO A 171 -11.03 13.75 -10.43
C PRO A 171 -11.62 14.83 -9.54
N VAL A 172 -11.02 14.99 -8.37
CA VAL A 172 -11.49 15.98 -7.41
C VAL A 172 -11.46 17.40 -8.03
N GLU A 173 -10.75 17.55 -9.14
CA GLU A 173 -10.73 18.81 -9.88
C GLU A 173 -12.05 19.12 -10.61
N SER A 174 -12.69 18.08 -11.15
CA SER A 174 -14.03 18.21 -11.73
C SER A 174 -15.05 18.78 -10.75
N MET A 175 -14.89 18.46 -9.48
CA MET A 175 -15.77 19.00 -8.46
C MET A 175 -15.60 20.52 -8.42
N GLU A 176 -14.34 20.95 -8.44
CA GLU A 176 -14.00 22.37 -8.48
C GLU A 176 -14.58 23.04 -9.71
N THR A 177 -14.32 22.45 -10.87
CA THR A 177 -14.77 22.99 -12.15
C THR A 177 -16.32 23.10 -12.21
N THR A 178 -17.00 22.16 -11.58
CA THR A 178 -18.46 22.20 -11.52
C THR A 178 -18.93 23.36 -10.64
N MET A 179 -18.24 23.55 -9.52
CA MET A 179 -18.62 24.59 -8.55
C MET A 179 -18.35 26.01 -9.08
N ARG A 180 -17.31 26.16 -9.89
CA ARG A 180 -17.04 27.42 -10.56
C ARG A 180 -18.19 27.78 -11.51
N ALA A 181 -18.42 26.91 -12.50
CA ALA A 181 -19.45 27.12 -13.52
C ALA A 181 -20.85 27.35 -12.94
N SER A 182 -21.10 26.84 -11.73
CA SER A 182 -22.38 27.06 -11.05
C SER A 182 -22.43 28.47 -10.44
N ALA B 1 0.09 -1.38 10.83
CA ALA B 1 0.98 -2.41 10.30
C ALA B 1 0.81 -3.75 11.03
N PRO B 2 0.70 -4.85 10.27
CA PRO B 2 0.51 -6.18 10.85
C PRO B 2 1.83 -6.74 11.36
N ILE B 3 2.87 -6.52 10.56
CA ILE B 3 4.20 -7.04 10.83
C ILE B 3 4.95 -6.12 11.79
N THR B 4 5.65 -6.73 12.74
CA THR B 4 6.48 -5.97 13.67
C THR B 4 7.88 -6.56 13.73
N ALA B 5 8.82 -5.79 14.25
CA ALA B 5 10.21 -6.24 14.31
C ALA B 5 10.92 -5.64 15.51
N TYR B 6 11.93 -6.33 16.02
CA TYR B 6 12.86 -5.71 16.94
C TYR B 6 14.25 -6.25 16.69
N SER B 7 15.26 -5.50 17.14
CA SER B 7 16.64 -5.89 16.93
C SER B 7 17.32 -6.29 18.24
N GLN B 8 18.41 -7.02 18.12
CA GLN B 8 19.31 -7.30 19.23
C GLN B 8 20.73 -7.24 18.70
N GLN B 9 21.55 -6.38 19.29
CA GLN B 9 22.96 -6.33 18.93
C GLN B 9 23.67 -7.56 19.50
N THR B 10 24.78 -7.96 18.88
CA THR B 10 25.54 -9.13 19.34
C THR B 10 27.03 -8.84 19.49
N ARG B 11 27.50 -7.80 18.84
CA ARG B 11 28.95 -7.52 18.80
C ARG B 11 29.21 -6.04 18.69
N GLY B 12 30.33 -5.60 19.25
CA GLY B 12 30.75 -4.22 19.12
C GLY B 12 31.80 -4.04 18.05
N LEU B 13 32.42 -2.87 18.02
CA LEU B 13 33.44 -2.54 17.02
C LEU B 13 34.66 -3.46 17.06
N LEU B 14 35.14 -3.75 18.26
CA LEU B 14 36.35 -4.56 18.43
C LEU B 14 36.11 -6.01 18.06
N GLY B 15 35.05 -6.59 18.61
CA GLY B 15 34.64 -7.92 18.25
C GLY B 15 34.47 -8.04 16.74
N CYS B 16 33.98 -6.99 16.10
CA CYS B 16 33.73 -7.04 14.66
C CYS B 16 35.02 -7.10 13.88
N ILE B 17 35.98 -6.27 14.28
CA ILE B 17 37.31 -6.25 13.67
C ILE B 17 38.00 -7.60 13.81
N ILE B 18 38.13 -8.04 15.06
CA ILE B 18 38.75 -9.34 15.33
C ILE B 18 38.07 -10.44 14.52
N THR B 19 36.75 -10.54 14.63
CA THR B 19 36.02 -11.62 13.98
C THR B 19 36.25 -11.60 12.46
N SER B 20 36.31 -10.39 11.92
CA SER B 20 36.59 -10.17 10.52
C SER B 20 37.90 -10.84 10.07
N LEU B 21 38.93 -10.77 10.91
CA LEU B 21 40.24 -11.33 10.57
C LEU B 21 40.31 -12.85 10.76
N THR B 22 39.62 -13.36 11.78
CA THR B 22 39.66 -14.78 12.06
C THR B 22 38.65 -15.58 11.23
N GLY B 23 37.60 -14.92 10.77
CA GLY B 23 36.54 -15.58 10.03
C GLY B 23 35.74 -16.59 10.82
N ARG B 24 35.97 -16.63 12.14
CA ARG B 24 35.31 -17.61 13.01
C ARG B 24 34.39 -16.91 14.02
N ASP B 25 33.09 -17.16 13.89
CA ASP B 25 32.09 -16.53 14.73
C ASP B 25 31.34 -17.59 15.54
N LYS B 26 31.56 -17.57 16.85
CA LYS B 26 30.99 -18.58 17.75
C LYS B 26 29.61 -18.20 18.31
N ASN B 27 29.18 -16.96 18.07
CA ASN B 27 27.89 -16.49 18.54
C ASN B 27 26.72 -17.34 18.07
N GLN B 28 25.70 -17.47 18.91
CA GLN B 28 24.45 -18.10 18.50
C GLN B 28 23.75 -17.23 17.47
N VAL B 29 23.24 -17.86 16.42
CA VAL B 29 22.52 -17.16 15.37
C VAL B 29 21.02 -17.32 15.58
N ASP B 30 20.28 -16.22 15.40
CA ASP B 30 18.83 -16.25 15.49
C ASP B 30 18.30 -15.14 14.58
N GLY B 31 16.99 -15.11 14.39
CA GLY B 31 16.36 -14.05 13.62
C GLY B 31 16.27 -14.32 12.12
N GLU B 32 15.29 -13.68 11.49
CA GLU B 32 15.03 -13.87 10.08
C GLU B 32 16.02 -13.04 9.26
N VAL B 33 16.56 -12.00 9.89
CA VAL B 33 17.40 -11.05 9.20
C VAL B 33 18.66 -10.84 10.04
N GLN B 34 19.84 -10.95 9.41
CA GLN B 34 21.07 -10.71 10.13
C GLN B 34 21.57 -9.29 9.83
N VAL B 35 22.12 -8.63 10.86
CA VAL B 35 22.74 -7.34 10.63
C VAL B 35 24.22 -7.63 10.42
N LEU B 36 24.75 -7.14 9.30
CA LEU B 36 26.07 -7.51 8.82
C LEU B 36 27.00 -6.32 8.77
N SER B 37 28.28 -6.57 8.99
CA SER B 37 29.22 -5.49 8.94
C SER B 37 30.57 -5.88 8.31
N THR B 38 31.13 -4.96 7.55
CA THR B 38 32.51 -5.05 7.13
C THR B 38 33.21 -3.90 7.83
N ALA B 39 34.44 -3.61 7.42
CA ALA B 39 35.19 -2.50 8.00
C ALA B 39 34.55 -1.15 7.67
N THR B 40 34.11 -1.02 6.42
CA THR B 40 33.63 0.24 5.92
C THR B 40 32.09 0.39 5.85
N GLN B 41 31.35 -0.72 5.95
CA GLN B 41 29.93 -0.71 5.62
C GLN B 41 29.08 -1.56 6.55
N SER B 42 27.81 -1.21 6.68
CA SER B 42 26.85 -2.10 7.32
C SER B 42 25.64 -2.32 6.40
N PHE B 43 25.02 -3.49 6.50
CA PHE B 43 23.89 -3.86 5.65
C PHE B 43 23.21 -5.04 6.29
N LEU B 44 22.28 -5.64 5.57
CA LEU B 44 21.46 -6.71 6.14
C LEU B 44 21.43 -7.91 5.19
N ALA B 45 21.15 -9.07 5.75
CA ALA B 45 20.95 -10.29 4.98
C ALA B 45 19.61 -10.84 5.40
N THR B 46 18.83 -11.28 4.42
CA THR B 46 17.56 -11.92 4.70
C THR B 46 17.67 -13.43 4.43
N CYS B 47 17.27 -14.23 5.41
CA CYS B 47 17.34 -15.68 5.28
C CYS B 47 16.09 -16.20 4.60
N VAL B 48 16.29 -16.79 3.43
CA VAL B 48 15.21 -17.33 2.62
C VAL B 48 15.60 -18.72 2.15
N ASN B 49 14.78 -19.70 2.49
CA ASN B 49 15.01 -21.08 2.07
C ASN B 49 16.44 -21.55 2.31
N GLY B 50 16.92 -21.35 3.53
CA GLY B 50 18.20 -21.89 3.96
C GLY B 50 19.44 -21.07 3.59
N VAL B 51 19.23 -19.98 2.88
CA VAL B 51 20.33 -19.12 2.41
C VAL B 51 20.22 -17.70 2.96
N CYS B 52 21.35 -17.13 3.41
CA CYS B 52 21.42 -15.71 3.78
C CYS B 52 21.76 -14.87 2.55
N TRP B 53 20.77 -14.13 2.04
CA TRP B 53 20.95 -13.29 0.87
C TRP B 53 21.23 -11.83 1.27
N THR B 54 22.14 -11.19 0.54
CA THR B 54 22.41 -9.77 0.77
C THR B 54 22.89 -9.17 -0.53
N VAL B 55 23.31 -7.92 -0.49
CA VAL B 55 23.75 -7.23 -1.69
C VAL B 55 25.24 -7.36 -1.95
N TYR B 56 25.59 -7.47 -3.22
CA TYR B 56 26.98 -7.51 -3.63
C TYR B 56 27.68 -6.19 -3.31
N HIS B 57 26.97 -5.08 -3.46
CA HIS B 57 27.57 -3.77 -3.23
C HIS B 57 27.98 -3.61 -1.76
N GLY B 58 27.45 -4.47 -0.89
CA GLY B 58 27.87 -4.51 0.50
C GLY B 58 28.90 -5.60 0.81
N ALA B 59 28.58 -6.84 0.41
CA ALA B 59 29.40 -8.00 0.81
C ALA B 59 30.58 -8.26 -0.13
N GLY B 60 30.50 -7.73 -1.36
CA GLY B 60 31.49 -8.04 -2.38
C GLY B 60 31.57 -9.55 -2.54
N SER B 61 32.79 -10.09 -2.62
CA SER B 61 32.98 -11.53 -2.78
C SER B 61 33.40 -12.19 -1.46
N LYS B 62 33.22 -11.47 -0.35
CA LYS B 62 33.72 -11.91 0.94
C LYS B 62 33.02 -13.15 1.51
N THR B 63 33.76 -13.87 2.35
CA THR B 63 33.18 -14.96 3.13
C THR B 63 32.35 -14.38 4.29
N LEU B 64 31.45 -15.18 4.83
CA LEU B 64 30.76 -14.83 6.06
C LEU B 64 31.42 -15.53 7.25
N ALA B 65 31.77 -14.78 8.29
CA ALA B 65 32.34 -15.43 9.48
C ALA B 65 31.31 -16.39 10.08
N GLY B 66 31.72 -17.63 10.34
CA GLY B 66 30.80 -18.65 10.82
C GLY B 66 31.35 -19.50 11.94
N PRO B 67 30.51 -20.38 12.51
CA PRO B 67 30.88 -21.18 13.68
C PRO B 67 32.03 -22.14 13.37
N LYS B 68 32.14 -22.58 12.12
CA LYS B 68 33.24 -23.45 11.70
C LYS B 68 34.30 -22.72 10.87
N GLY B 69 34.33 -21.39 10.95
CA GLY B 69 35.25 -20.61 10.14
C GLY B 69 34.52 -19.92 9.01
N PRO B 70 35.26 -19.27 8.09
CA PRO B 70 34.59 -18.49 7.05
C PRO B 70 33.72 -19.33 6.12
N ILE B 71 32.55 -18.81 5.79
CA ILE B 71 31.64 -19.46 4.86
C ILE B 71 31.78 -18.79 3.51
N THR B 72 32.05 -19.60 2.50
CA THR B 72 32.16 -19.14 1.12
C THR B 72 30.78 -18.84 0.55
N GLN B 73 30.70 -17.85 -0.32
CA GLN B 73 29.44 -17.56 -1.01
C GLN B 73 29.00 -18.75 -1.82
N MET B 74 27.72 -19.08 -1.70
CA MET B 74 27.12 -20.17 -2.46
C MET B 74 26.56 -19.61 -3.76
N TYR B 75 26.28 -18.31 -3.75
CA TYR B 75 25.75 -17.63 -4.93
C TYR B 75 26.28 -16.20 -5.04
N THR B 76 26.62 -15.80 -6.26
CA THR B 76 27.25 -14.53 -6.50
C THR B 76 26.81 -14.04 -7.87
N ASN B 77 26.02 -12.98 -7.89
CA ASN B 77 25.53 -12.39 -9.12
C ASN B 77 25.81 -10.90 -9.12
N VAL B 78 26.96 -10.51 -9.68
CA VAL B 78 27.40 -9.13 -9.61
C VAL B 78 26.35 -8.19 -10.21
N ASP B 79 25.84 -8.53 -11.39
CA ASP B 79 24.94 -7.63 -12.08
C ASP B 79 23.56 -7.51 -11.43
N GLN B 80 23.11 -8.54 -10.71
CA GLN B 80 21.86 -8.43 -9.95
C GLN B 80 22.09 -7.77 -8.59
N ASP B 81 23.37 -7.53 -8.24
CA ASP B 81 23.73 -7.01 -6.92
C ASP B 81 23.32 -7.98 -5.82
N LEU B 82 23.38 -9.27 -6.11
CA LEU B 82 22.93 -10.30 -5.17
C LEU B 82 24.01 -11.34 -4.81
N VAL B 83 24.14 -11.66 -3.51
CA VAL B 83 25.00 -12.75 -3.08
C VAL B 83 24.27 -13.56 -2.01
N GLY B 84 24.63 -14.83 -1.87
CA GLY B 84 24.02 -15.67 -0.86
C GLY B 84 25.04 -16.57 -0.20
N TRP B 85 24.97 -16.73 1.11
CA TRP B 85 25.76 -17.74 1.80
C TRP B 85 24.82 -18.79 2.39
N PRO B 86 25.27 -20.05 2.47
CA PRO B 86 24.49 -21.04 3.23
C PRO B 86 24.20 -20.50 4.64
N ALA B 87 22.92 -20.44 5.02
CA ALA B 87 22.52 -19.90 6.31
C ALA B 87 23.08 -20.68 7.49
N PRO B 88 23.73 -19.98 8.43
CA PRO B 88 24.20 -20.62 9.67
C PRO B 88 23.01 -21.23 10.39
N PRO B 89 23.25 -22.31 11.15
CA PRO B 89 22.19 -23.15 11.72
C PRO B 89 20.94 -22.41 12.24
N GLY B 90 21.10 -21.63 13.31
CA GLY B 90 19.96 -21.04 13.99
C GLY B 90 19.21 -19.89 13.34
N ALA B 91 19.64 -19.44 12.17
CA ALA B 91 18.91 -18.38 11.48
C ALA B 91 17.50 -18.87 11.17
N ARG B 92 16.52 -17.97 11.16
CA ARG B 92 15.17 -18.35 10.82
C ARG B 92 14.93 -18.11 9.33
N SER B 93 14.69 -19.19 8.59
CA SER B 93 14.49 -19.10 7.17
C SER B 93 13.05 -18.64 6.85
N MET B 94 12.93 -17.70 5.93
CA MET B 94 11.63 -17.17 5.52
C MET B 94 11.20 -17.81 4.20
N THR B 95 9.93 -17.60 3.85
CA THR B 95 9.36 -18.21 2.65
C THR B 95 8.98 -17.19 1.61
N PRO B 96 9.28 -17.48 0.33
CA PRO B 96 8.85 -16.62 -0.78
C PRO B 96 7.35 -16.34 -0.77
N CYS B 97 6.98 -15.18 -1.29
CA CYS B 97 5.59 -14.79 -1.35
C CYS B 97 4.96 -15.38 -2.62
N THR B 98 3.73 -15.87 -2.48
CA THR B 98 3.01 -16.51 -3.58
C THR B 98 1.59 -15.98 -3.67
N CYS B 99 1.39 -14.75 -3.22
CA CYS B 99 0.06 -14.13 -3.23
C CYS B 99 0.00 -12.90 -4.14
N GLY B 100 1.15 -12.49 -4.64
CA GLY B 100 1.23 -11.34 -5.54
C GLY B 100 0.73 -10.01 -5.00
N SER B 101 0.73 -9.84 -3.69
CA SER B 101 0.32 -8.56 -3.11
C SER B 101 1.22 -7.41 -3.57
N SER B 102 0.65 -6.21 -3.62
CA SER B 102 1.43 -5.02 -3.96
C SER B 102 1.54 -4.14 -2.72
N ASP B 103 1.02 -4.67 -1.62
CA ASP B 103 1.02 -4.01 -0.34
C ASP B 103 2.20 -4.59 0.44
N LEU B 104 3.34 -3.91 0.38
CA LEU B 104 4.60 -4.47 0.88
C LEU B 104 5.12 -3.70 2.10
N TYR B 105 5.98 -4.36 2.87
CA TYR B 105 6.58 -3.75 4.04
C TYR B 105 8.08 -4.01 4.06
N LEU B 106 8.84 -2.91 4.11
CA LEU B 106 10.29 -2.93 4.19
C LEU B 106 10.74 -2.93 5.64
N VAL B 107 11.56 -3.90 5.99
CA VAL B 107 12.14 -3.93 7.33
C VAL B 107 13.53 -3.30 7.29
N THR B 108 13.73 -2.27 8.10
CA THR B 108 14.99 -1.52 8.11
C THR B 108 15.92 -2.08 9.19
N ARG B 109 17.18 -1.62 9.19
CA ARG B 109 18.17 -2.09 10.16
C ARG B 109 17.80 -1.65 11.59
N HIS B 110 17.02 -0.60 11.70
CA HIS B 110 16.55 -0.11 12.98
C HIS B 110 15.33 -0.88 13.45
N ALA B 111 14.99 -1.93 12.70
CA ALA B 111 13.83 -2.74 12.97
C ALA B 111 12.53 -1.95 12.84
N ASP B 112 12.53 -0.93 12.01
CA ASP B 112 11.27 -0.29 11.63
C ASP B 112 10.67 -1.03 10.47
N VAL B 113 9.35 -0.99 10.37
CA VAL B 113 8.61 -1.68 9.32
C VAL B 113 7.86 -0.64 8.51
N ILE B 114 8.30 -0.39 7.28
CA ILE B 114 7.69 0.71 6.56
C ILE B 114 6.98 0.30 5.28
N PRO B 115 5.80 0.90 5.05
CA PRO B 115 4.90 0.62 3.93
C PRO B 115 5.49 1.02 2.59
N VAL B 116 5.37 0.11 1.63
CA VAL B 116 5.86 0.32 0.29
C VAL B 116 4.81 -0.24 -0.68
N ARG B 117 4.55 0.51 -1.74
CA ARG B 117 3.61 0.10 -2.76
C ARG B 117 4.42 -0.46 -3.94
N ARG B 118 4.24 -1.74 -4.25
CA ARG B 118 4.89 -2.30 -5.43
C ARG B 118 4.48 -1.58 -6.71
N ARG B 119 5.46 -1.20 -7.52
CA ARG B 119 5.23 -0.45 -8.75
C ARG B 119 5.66 -1.25 -9.99
N GLY B 120 6.35 -2.35 -9.77
CA GLY B 120 6.87 -3.12 -10.88
C GLY B 120 7.63 -4.31 -10.36
N ASP B 121 8.36 -5.00 -11.25
CA ASP B 121 9.11 -6.18 -10.84
C ASP B 121 10.14 -5.85 -9.77
N SER B 122 10.77 -4.69 -9.86
CA SER B 122 11.87 -4.41 -8.94
C SER B 122 11.81 -3.03 -8.30
N ARG B 123 10.61 -2.45 -8.25
CA ARG B 123 10.42 -1.08 -7.78
C ARG B 123 9.25 -1.02 -6.82
N GLY B 124 9.38 -0.19 -5.80
CA GLY B 124 8.30 0.03 -4.85
C GLY B 124 8.38 1.47 -4.40
N SER B 125 7.24 2.14 -4.26
CA SER B 125 7.29 3.52 -3.81
C SER B 125 6.98 3.58 -2.31
N LEU B 126 7.65 4.48 -1.60
CA LEU B 126 7.38 4.69 -0.19
C LEU B 126 6.10 5.51 -0.06
N LEU B 127 5.14 5.00 0.70
CA LEU B 127 3.89 5.69 0.94
C LEU B 127 4.14 6.98 1.69
N SER B 128 5.13 6.94 2.56
CA SER B 128 5.58 8.15 3.24
C SER B 128 7.09 8.25 3.00
N PRO B 129 7.53 9.28 2.27
CA PRO B 129 8.96 9.53 2.00
C PRO B 129 9.76 9.69 3.28
N ARG B 130 11.05 9.36 3.20
CA ARG B 130 11.92 9.46 4.35
C ARG B 130 13.32 9.96 3.97
N PRO B 131 14.03 10.59 4.91
CA PRO B 131 15.41 10.97 4.58
C PRO B 131 16.17 9.73 4.15
N VAL B 132 16.98 9.81 3.10
CA VAL B 132 17.74 8.62 2.72
C VAL B 132 18.60 8.08 3.88
N SER B 133 19.01 8.95 4.79
CA SER B 133 19.81 8.54 5.94
C SER B 133 19.09 7.46 6.72
N TYR B 134 17.78 7.55 6.77
CA TYR B 134 16.97 6.57 7.45
C TYR B 134 17.14 5.16 6.86
N LEU B 135 17.38 5.09 5.56
CA LEU B 135 17.50 3.82 4.85
C LEU B 135 18.93 3.30 4.73
N LYS B 136 19.92 4.17 4.94
CA LYS B 136 21.31 3.77 4.84
C LYS B 136 21.61 2.64 5.81
N GLY B 137 22.31 1.62 5.32
CA GLY B 137 22.64 0.45 6.12
C GLY B 137 21.56 -0.61 6.10
N SER B 138 20.47 -0.36 5.38
CA SER B 138 19.38 -1.33 5.27
C SER B 138 19.32 -2.16 3.97
N SER B 139 20.24 -1.94 3.03
CA SER B 139 20.29 -2.82 1.86
C SER B 139 20.41 -4.28 2.29
N GLY B 140 19.67 -5.16 1.62
CA GLY B 140 19.65 -6.56 1.98
C GLY B 140 18.46 -6.89 2.88
N GLY B 141 17.80 -5.84 3.37
CA GLY B 141 16.65 -6.00 4.22
C GLY B 141 15.45 -6.49 3.41
N PRO B 142 14.56 -7.26 4.04
CA PRO B 142 13.41 -7.87 3.35
C PRO B 142 12.28 -6.90 3.02
N LEU B 143 11.69 -7.04 1.84
CA LEU B 143 10.35 -6.51 1.57
C LEU B 143 9.36 -7.66 1.69
N LEU B 144 8.36 -7.49 2.55
CA LEU B 144 7.41 -8.54 2.88
C LEU B 144 6.02 -8.20 2.39
N CYS B 145 5.25 -9.23 2.05
CA CYS B 145 3.82 -9.08 1.77
C CYS B 145 3.11 -9.05 3.12
N PRO B 146 1.78 -8.78 3.12
CA PRO B 146 1.05 -8.67 4.39
C PRO B 146 1.01 -9.99 5.17
N SER B 147 1.23 -11.10 4.47
CA SER B 147 1.32 -12.40 5.10
C SER B 147 2.68 -12.63 5.76
N GLY B 148 3.63 -11.73 5.50
CA GLY B 148 4.96 -11.84 6.09
C GLY B 148 5.93 -12.71 5.30
N HIS B 149 5.63 -12.95 4.03
CA HIS B 149 6.53 -13.72 3.17
C HIS B 149 7.34 -12.79 2.28
N VAL B 150 8.47 -13.29 1.79
CA VAL B 150 9.43 -12.43 1.12
C VAL B 150 9.13 -12.16 -0.35
N VAL B 151 9.08 -10.89 -0.69
CA VAL B 151 8.88 -10.48 -2.07
C VAL B 151 10.23 -10.21 -2.71
N GLY B 152 11.18 -9.75 -1.89
CA GLY B 152 12.46 -9.30 -2.40
C GLY B 152 13.34 -8.72 -1.29
N ILE B 153 14.54 -8.31 -1.66
CA ILE B 153 15.41 -7.58 -0.71
C ILE B 153 15.75 -6.19 -1.23
N PHE B 154 15.78 -5.24 -0.30
CA PHE B 154 16.06 -3.84 -0.58
C PHE B 154 17.45 -3.65 -1.20
N ARG B 155 17.51 -2.90 -2.31
CA ARG B 155 18.78 -2.66 -2.98
C ARG B 155 19.30 -1.23 -2.91
N ALA B 156 18.48 -0.26 -3.30
CA ALA B 156 18.91 1.14 -3.40
C ALA B 156 17.72 2.09 -3.25
N ALA B 157 17.93 3.25 -2.65
CA ALA B 157 16.85 4.24 -2.57
C ALA B 157 16.80 5.10 -3.81
N VAL B 158 15.59 5.45 -4.24
CA VAL B 158 15.35 6.41 -5.30
C VAL B 158 15.12 7.78 -4.66
N CYS B 159 16.00 8.74 -4.94
CA CYS B 159 16.10 9.92 -4.10
C CYS B 159 16.03 11.25 -4.84
N THR B 160 15.59 12.28 -4.13
CA THR B 160 15.68 13.64 -4.64
C THR B 160 16.10 14.56 -3.50
N ARG B 161 17.27 15.16 -3.63
CA ARG B 161 17.79 16.08 -2.61
C ARG B 161 17.75 15.45 -1.21
N GLY B 162 18.18 14.19 -1.14
CA GLY B 162 18.34 13.52 0.15
C GLY B 162 17.05 12.93 0.70
N VAL B 163 16.00 12.98 -0.09
CA VAL B 163 14.71 12.39 0.28
C VAL B 163 14.42 11.16 -0.58
N ALA B 164 14.21 10.03 0.07
CA ALA B 164 13.87 8.80 -0.64
C ALA B 164 12.35 8.70 -0.82
N LYS B 165 11.91 8.52 -2.05
CA LYS B 165 10.49 8.44 -2.37
C LYS B 165 10.12 7.04 -2.88
N ALA B 166 11.13 6.25 -3.21
CA ALA B 166 10.92 4.93 -3.76
C ALA B 166 12.15 4.08 -3.45
N VAL B 167 12.01 2.77 -3.61
CA VAL B 167 13.13 1.83 -3.43
C VAL B 167 13.26 0.88 -4.63
N ASP B 168 14.50 0.63 -5.05
CA ASP B 168 14.77 -0.46 -5.97
C ASP B 168 15.00 -1.70 -5.13
N PHE B 169 14.45 -2.84 -5.55
CA PHE B 169 14.71 -4.07 -4.82
C PHE B 169 14.99 -5.26 -5.75
N ILE B 170 15.50 -6.33 -5.17
CA ILE B 170 15.83 -7.56 -5.88
C ILE B 170 14.77 -8.60 -5.58
N PRO B 171 13.92 -8.90 -6.57
CA PRO B 171 12.80 -9.83 -6.34
C PRO B 171 13.24 -11.26 -6.00
N VAL B 172 12.43 -11.95 -5.18
CA VAL B 172 12.72 -13.34 -4.84
C VAL B 172 12.93 -14.21 -6.08
N GLU B 173 12.38 -13.80 -7.21
CA GLU B 173 12.59 -14.53 -8.46
C GLU B 173 14.08 -14.57 -8.90
N SER B 174 14.76 -13.43 -8.81
CA SER B 174 16.19 -13.37 -9.13
C SER B 174 17.00 -14.38 -8.32
N MET B 175 16.53 -14.68 -7.12
CA MET B 175 17.18 -15.69 -6.31
C MET B 175 17.09 -17.06 -6.98
N GLU B 176 15.94 -17.33 -7.61
CA GLU B 176 15.76 -18.53 -8.42
C GLU B 176 16.77 -18.54 -9.56
N THR B 177 16.62 -17.57 -10.46
CA THR B 177 17.48 -17.43 -11.63
C THR B 177 18.97 -17.59 -11.32
N THR B 178 19.40 -17.13 -10.14
CA THR B 178 20.79 -17.25 -9.73
C THR B 178 21.12 -18.69 -9.27
N MET B 179 20.25 -19.24 -8.42
CA MET B 179 20.38 -20.60 -7.93
C MET B 179 20.37 -21.62 -9.08
N ARG B 180 19.47 -21.41 -10.04
CA ARG B 180 19.38 -22.26 -11.22
C ARG B 180 20.66 -22.20 -12.06
N ALA B 181 20.97 -21.00 -12.56
CA ALA B 181 22.14 -20.79 -13.41
C ALA B 181 23.45 -21.24 -12.74
N SER B 182 23.40 -21.47 -11.42
CA SER B 182 24.55 -21.93 -10.66
C SER B 182 24.59 -23.47 -10.59
N LYS C 2 -40.09 9.07 -8.40
CA LYS C 2 -39.30 10.23 -8.01
C LYS C 2 -39.19 10.39 -6.51
N GLY C 3 -38.75 9.33 -5.83
CA GLY C 3 -38.46 9.42 -4.41
C GLY C 3 -37.03 9.92 -4.15
N SER C 4 -36.73 10.21 -2.89
CA SER C 4 -35.41 10.71 -2.51
C SER C 4 -34.39 9.60 -2.46
N VAL C 5 -33.12 9.94 -2.70
CA VAL C 5 -32.01 9.05 -2.40
C VAL C 5 -31.96 8.94 -0.88
N VAL C 6 -31.64 7.75 -0.38
CA VAL C 6 -31.68 7.50 1.06
C VAL C 6 -30.34 6.98 1.59
N ILE C 7 -29.86 7.54 2.70
CA ILE C 7 -28.68 7.01 3.37
C ILE C 7 -29.11 5.77 4.13
N VAL C 8 -28.52 4.63 3.80
CA VAL C 8 -28.87 3.37 4.46
C VAL C 8 -27.69 2.79 5.25
N GLY C 9 -26.56 3.49 5.21
CA GLY C 9 -25.38 3.09 5.94
C GLY C 9 -24.29 4.14 5.79
N ARG C 10 -23.18 3.91 6.48
CA ARG C 10 -22.02 4.77 6.32
C ARG C 10 -20.75 3.97 6.47
N ILE C 11 -19.66 4.59 6.05
CA ILE C 11 -18.34 3.99 6.15
C ILE C 11 -17.42 4.98 6.87
N ILE C 12 -16.71 4.45 7.87
CA ILE C 12 -15.82 5.23 8.72
C ILE C 12 -14.39 4.87 8.38
N LEU C 13 -13.58 5.88 8.10
CA LEU C 13 -12.23 5.65 7.61
C LEU C 13 -11.21 5.85 8.73
N SER C 14 -10.09 5.12 8.63
CA SER C 14 -8.99 5.26 9.59
C SER C 14 -7.64 5.37 8.89
N LYS D 2 40.19 -8.12 2.99
CA LYS D 2 40.34 -9.56 3.02
C LYS D 2 39.67 -10.16 4.25
N GLY D 3 39.00 -9.29 5.01
CA GLY D 3 38.27 -9.73 6.18
C GLY D 3 36.91 -10.28 5.79
N SER D 4 36.36 -11.15 6.62
CA SER D 4 35.03 -11.70 6.39
C SER D 4 33.95 -10.68 6.76
N VAL D 5 32.77 -10.84 6.19
CA VAL D 5 31.60 -10.10 6.64
C VAL D 5 31.23 -10.66 7.99
N VAL D 6 30.80 -9.80 8.91
CA VAL D 6 30.50 -10.25 10.26
C VAL D 6 29.04 -9.95 10.67
N ILE D 7 28.41 -10.92 11.31
CA ILE D 7 27.10 -10.71 11.91
C ILE D 7 27.27 -9.93 13.21
N VAL D 8 26.73 -8.72 13.25
CA VAL D 8 26.87 -7.85 14.43
C VAL D 8 25.55 -7.67 15.19
N GLY D 9 24.46 -8.23 14.64
CA GLY D 9 23.17 -8.17 15.30
C GLY D 9 22.15 -8.92 14.49
N ARG D 10 20.90 -8.96 14.96
CA ARG D 10 19.85 -9.64 14.23
C ARG D 10 18.52 -8.97 14.45
N ILE D 11 17.58 -9.31 13.59
CA ILE D 11 16.25 -8.71 13.63
C ILE D 11 15.21 -9.83 13.68
N ILE D 12 14.35 -9.77 14.70
CA ILE D 12 13.35 -10.81 14.95
C ILE D 12 11.99 -10.31 14.48
N LEU D 13 11.36 -11.09 13.61
CA LEU D 13 10.08 -10.71 13.02
C LEU D 13 8.89 -11.44 13.66
N SER D 14 7.74 -10.76 13.67
CA SER D 14 6.47 -11.39 14.05
C SER D 14 5.30 -10.68 13.35
N ASP E 1 -12.81 -3.62 -24.30
CA ASP E 1 -12.98 -3.37 -22.87
C ASP E 1 -14.35 -2.80 -22.56
N ASP E 2 -15.06 -3.44 -21.64
CA ASP E 2 -16.39 -2.97 -21.25
C ASP E 2 -16.33 -1.95 -20.14
N ILE E 3 -16.96 -0.80 -20.37
CA ILE E 3 -17.07 0.19 -19.32
C ILE E 3 -18.36 -0.07 -18.55
N VAL E 4 -18.23 -0.46 -17.28
CA VAL E 4 -19.39 -0.85 -16.47
C VAL E 4 -19.60 0.14 -15.34
N PRO E 5 -20.67 0.95 -15.42
CA PRO E 5 -20.98 1.89 -14.33
C PRO E 5 -21.28 1.09 -13.06
N CYS E 6 -20.80 1.53 -11.91
CA CYS E 6 -21.03 0.77 -10.67
C CYS E 6 -21.96 1.48 -9.67
N ASP F 1 16.38 12.04 -10.54
CA ASP F 1 16.39 11.00 -9.51
C ASP F 1 17.76 10.36 -9.27
N ASP F 2 18.17 10.35 -8.01
CA ASP F 2 19.43 9.72 -7.62
C ASP F 2 19.18 8.29 -7.19
N ILE F 3 19.94 7.35 -7.74
CA ILE F 3 19.90 5.98 -7.22
C ILE F 3 21.00 5.83 -6.19
N VAL F 4 20.60 5.62 -4.94
CA VAL F 4 21.54 5.61 -3.82
C VAL F 4 21.58 4.22 -3.21
N PRO F 5 22.69 3.49 -3.44
CA PRO F 5 22.81 2.18 -2.78
C PRO F 5 22.83 2.33 -1.26
N CYS F 6 22.13 1.46 -0.53
CA CYS F 6 22.06 1.59 0.93
C CYS F 6 22.78 0.44 1.67
ZN ZN G . -2.45 13.53 -1.38
NA NA H . -12.47 -2.83 6.03
ZN ZN I . 2.49 -12.94 -0.17
NA NA J . 10.33 -1.99 15.74
#